data_1BO7
#
_entry.id   1BO7
#
_cell.length_a   78.700
_cell.length_b   78.700
_cell.length_c   240.900
_cell.angle_alpha   90.00
_cell.angle_beta   90.00
_cell.angle_gamma   120.00
#
_symmetry.space_group_name_H-M   'P 61 2 2'
#
loop_
_entity.id
_entity.type
_entity.pdbx_description
1 polymer 'THYMIDYLATE SYNTHASE'
2 non-polymer "URIDINE-5'-MONOPHOSPHATE"
3 water water
#
_entity_poly.entity_id   1
_entity_poly.type   'polypeptide(L)'
_entity_poly.pdbx_seq_one_letter_code
;MLEQPYLDLAKKVLDEGHFKPDRTHTGTYSIFGHQMRFDLSKGFPLLTTKKVPFGLIKSELLWFLHGDTNIRFLLQHRNH
IWDEWAFEKWVKSDEYHGPDMTDFGHRSQKDPEFAAVYHEEMAKFDDRVLHDDAFAAKYGDLGLVYGSQWRAWHTSKGDT
IDQLGDVIEQIKTHPYSRTLIVSAWNPEDVPTMALPPCHTLYQFYVNDGKLSLQLYQRSADIFLGVPFNIASYALLTHLV
AHECGLEVGEFIHTFGDAHLYVNHLDQIKEQLSRTPRPAPTLQLNPDKHDIFDFDMKDIKLLNYDPYPAIKAPVAV
;
_entity_poly.pdbx_strand_id   A
#
loop_
_chem_comp.id
_chem_comp.type
_chem_comp.name
_chem_comp.formula
U5P non-polymer URIDINE-5'-MONOPHOSPHATE 'C9 H13 N2 O9 P'
#
# COMPACT_ATOMS: atom_id res chain seq x y z
N MET A 1 -20.03 -7.22 -11.08
CA MET A 1 -18.89 -8.14 -10.83
C MET A 1 -18.20 -7.85 -9.48
N LEU A 2 -17.16 -8.61 -9.17
CA LEU A 2 -16.40 -8.50 -7.92
C LEU A 2 -15.86 -7.11 -7.61
N GLU A 3 -15.45 -6.35 -8.62
CA GLU A 3 -14.90 -5.04 -8.37
C GLU A 3 -15.89 -3.89 -8.42
N GLN A 4 -17.16 -4.20 -8.63
CA GLN A 4 -18.17 -3.15 -8.73
C GLN A 4 -18.17 -2.09 -7.62
N PRO A 5 -17.89 -2.49 -6.36
CA PRO A 5 -17.88 -1.48 -5.30
C PRO A 5 -16.89 -0.35 -5.59
N TYR A 6 -15.75 -0.73 -6.18
CA TYR A 6 -14.73 0.26 -6.50
C TYR A 6 -15.27 1.23 -7.54
N LEU A 7 -15.89 0.71 -8.59
CA LEU A 7 -16.44 1.55 -9.63
C LEU A 7 -17.58 2.39 -9.04
N ASP A 8 -18.37 1.81 -8.16
CA ASP A 8 -19.45 2.56 -7.51
C ASP A 8 -18.88 3.68 -6.61
N LEU A 9 -17.75 3.45 -5.97
CA LEU A 9 -17.12 4.47 -5.13
C LEU A 9 -16.70 5.66 -6.04
N ALA A 10 -16.10 5.38 -7.20
CA ALA A 10 -15.69 6.42 -8.15
C ALA A 10 -16.87 7.21 -8.69
N LYS A 11 -17.94 6.53 -9.05
CA LYS A 11 -19.14 7.20 -9.56
C LYS A 11 -19.69 8.14 -8.49
N LYS A 12 -19.80 7.64 -7.26
CA LYS A 12 -20.33 8.45 -6.16
C LYS A 12 -19.56 9.73 -5.89
N VAL A 13 -18.23 9.65 -5.84
CA VAL A 13 -17.42 10.84 -5.60
C VAL A 13 -17.55 11.74 -6.80
N LEU A 14 -17.83 11.15 -7.96
CA LEU A 14 -17.98 11.91 -9.19
C LEU A 14 -19.25 12.77 -9.16
N ASP A 15 -20.37 12.17 -8.82
CA ASP A 15 -21.57 12.95 -8.75
C ASP A 15 -22.19 13.04 -7.38
N GLU A 16 -21.38 13.43 -6.39
CA GLU A 16 -21.81 13.64 -5.00
C GLU A 16 -20.73 14.29 -4.13
N GLY A 17 -19.47 14.11 -4.52
CA GLY A 17 -18.37 14.68 -3.77
C GLY A 17 -18.28 16.17 -3.92
N HIS A 18 -17.93 16.88 -2.86
CA HIS A 18 -17.82 18.32 -2.95
C HIS A 18 -16.38 18.68 -3.16
N PHE A 19 -16.11 19.83 -3.74
CA PHE A 19 -14.74 20.25 -3.97
C PHE A 19 -14.07 20.58 -2.63
N LYS A 20 -12.91 20.00 -2.42
CA LYS A 20 -12.20 20.24 -1.19
C LYS A 20 -10.75 20.41 -1.54
N PRO A 21 -10.12 21.45 -0.98
CA PRO A 21 -8.71 21.76 -1.21
C PRO A 21 -7.83 20.80 -0.39
N ASP A 22 -6.57 20.61 -0.79
CA ASP A 22 -5.71 19.70 -0.05
C ASP A 22 -4.25 20.16 0.11
N ARG A 23 -3.51 19.33 0.82
CA ARG A 23 -2.12 19.48 1.12
C ARG A 23 -1.29 19.74 -0.16
N THR A 24 -1.40 18.87 -1.16
CA THR A 24 -0.66 18.97 -2.42
C THR A 24 -1.00 20.20 -3.26
N HIS A 25 -2.14 20.80 -2.97
CA HIS A 25 -2.62 21.95 -3.71
C HIS A 25 -3.16 21.60 -5.10
N THR A 26 -3.51 20.32 -5.31
CA THR A 26 -4.13 19.86 -6.54
C THR A 26 -5.54 19.56 -6.04
N GLY A 27 -6.52 20.39 -6.39
CA GLY A 27 -7.88 20.16 -5.91
C GLY A 27 -8.40 18.73 -5.90
N THR A 28 -9.46 18.48 -5.13
CA THR A 28 -10.04 17.15 -5.07
C THR A 28 -11.55 17.23 -4.91
N TYR A 29 -12.22 16.14 -5.27
CA TYR A 29 -13.66 16.00 -5.09
C TYR A 29 -13.62 14.93 -4.03
N SER A 30 -14.17 15.26 -2.86
CA SER A 30 -14.11 14.40 -1.68
C SER A 30 -15.43 13.97 -1.02
N ILE A 31 -15.41 12.80 -0.37
CA ILE A 31 -16.53 12.32 0.43
C ILE A 31 -15.88 11.82 1.73
N PHE A 32 -16.63 11.83 2.83
CA PHE A 32 -16.11 11.37 4.10
C PHE A 32 -16.93 10.21 4.63
N GLY A 33 -16.28 9.08 4.82
CA GLY A 33 -16.98 7.92 5.33
C GLY A 33 -17.61 7.10 4.23
N HIS A 34 -16.98 5.98 3.89
CA HIS A 34 -17.52 5.07 2.90
C HIS A 34 -17.06 3.69 3.32
N GLN A 35 -17.73 2.64 2.86
CA GLN A 35 -17.33 1.28 3.21
C GLN A 35 -17.68 0.36 2.05
N MET A 36 -16.74 -0.50 1.68
CA MET A 36 -16.96 -1.44 0.60
C MET A 36 -16.58 -2.77 1.16
N ARG A 37 -17.16 -3.84 0.64
CA ARG A 37 -16.77 -5.15 1.11
C ARG A 37 -16.59 -6.10 -0.04
N PHE A 38 -15.55 -6.94 0.05
CA PHE A 38 -15.24 -7.89 -0.99
C PHE A 38 -15.34 -9.31 -0.46
N ASP A 39 -16.04 -10.18 -1.17
CA ASP A 39 -16.19 -11.57 -0.76
C ASP A 39 -15.06 -12.30 -1.46
N LEU A 40 -14.02 -12.58 -0.69
CA LEU A 40 -12.81 -13.21 -1.18
C LEU A 40 -12.98 -14.65 -1.64
N SER A 41 -14.17 -15.21 -1.48
CA SER A 41 -14.37 -16.58 -1.94
C SER A 41 -14.86 -16.48 -3.39
N LYS A 42 -15.18 -15.26 -3.80
CA LYS A 42 -15.65 -15.03 -5.15
C LYS A 42 -14.49 -14.71 -6.07
N GLY A 43 -13.30 -14.51 -5.52
CA GLY A 43 -12.16 -14.19 -6.37
C GLY A 43 -11.31 -13.06 -5.81
N PHE A 44 -10.14 -12.83 -6.40
CA PHE A 44 -9.24 -11.80 -5.92
C PHE A 44 -9.56 -10.45 -6.55
N PRO A 45 -9.79 -9.44 -5.70
CA PRO A 45 -10.12 -8.07 -6.13
C PRO A 45 -9.00 -7.26 -6.78
N LEU A 46 -8.33 -7.82 -7.77
CA LEU A 46 -7.33 -7.04 -8.47
C LEU A 46 -8.19 -6.50 -9.63
N LEU A 47 -8.23 -5.18 -9.81
CA LEU A 47 -9.06 -4.62 -10.86
C LEU A 47 -8.78 -5.16 -12.25
N THR A 48 -9.83 -5.55 -12.97
CA THR A 48 -9.70 -6.01 -14.36
C THR A 48 -9.95 -4.84 -15.33
N THR A 49 -10.54 -3.74 -14.84
CA THR A 49 -10.81 -2.59 -15.70
C THR A 49 -9.62 -1.65 -15.89
N LYS A 50 -8.46 -2.03 -15.37
CA LYS A 50 -7.23 -1.25 -15.51
C LYS A 50 -6.15 -2.20 -15.08
N LYS A 51 -5.02 -2.20 -15.78
CA LYS A 51 -3.93 -3.10 -15.47
C LYS A 51 -3.24 -2.63 -14.20
N VAL A 52 -3.18 -3.50 -13.20
CA VAL A 52 -2.52 -3.13 -11.94
C VAL A 52 -1.40 -4.11 -11.71
N PRO A 53 -0.15 -3.62 -11.53
CA PRO A 53 1.06 -4.42 -11.30
C PRO A 53 1.11 -5.15 -9.93
N PHE A 54 0.57 -6.36 -9.92
CA PHE A 54 0.51 -7.18 -8.71
C PHE A 54 1.89 -7.45 -8.15
N GLY A 55 2.89 -7.51 -9.03
CA GLY A 55 4.25 -7.77 -8.61
C GLY A 55 4.72 -6.75 -7.62
N LEU A 56 4.30 -5.51 -7.80
CA LEU A 56 4.68 -4.45 -6.91
C LEU A 56 3.92 -4.53 -5.59
N ILE A 57 2.69 -5.04 -5.62
CA ILE A 57 1.93 -5.10 -4.38
C ILE A 57 2.43 -6.28 -3.55
N LYS A 58 2.82 -7.34 -4.24
CA LYS A 58 3.32 -8.54 -3.62
C LYS A 58 4.65 -8.34 -2.89
N SER A 59 5.62 -7.70 -3.53
CA SER A 59 6.91 -7.49 -2.91
C SER A 59 6.89 -6.38 -1.87
N GLU A 60 5.87 -5.54 -1.87
CA GLU A 60 5.77 -4.49 -0.86
C GLU A 60 5.17 -5.08 0.43
N LEU A 61 4.25 -6.02 0.26
CA LEU A 61 3.62 -6.67 1.41
C LEU A 61 4.63 -7.57 2.12
N LEU A 62 5.43 -8.28 1.34
CA LEU A 62 6.45 -9.16 1.90
C LEU A 62 7.47 -8.35 2.71
N TRP A 63 7.85 -7.19 2.18
CA TRP A 63 8.77 -6.28 2.83
C TRP A 63 8.18 -5.88 4.19
N PHE A 64 6.87 -5.61 4.23
CA PHE A 64 6.18 -5.24 5.48
C PHE A 64 6.21 -6.43 6.44
N LEU A 65 5.82 -7.59 5.92
CA LEU A 65 5.77 -8.86 6.66
C LEU A 65 7.08 -9.29 7.31
N HIS A 66 8.20 -8.91 6.71
CA HIS A 66 9.52 -9.23 7.25
C HIS A 66 9.92 -8.17 8.28
N GLY A 67 9.09 -7.15 8.44
CA GLY A 67 9.39 -6.10 9.40
C GLY A 67 10.60 -5.31 8.95
N ASP A 68 10.82 -5.34 7.65
CA ASP A 68 11.95 -4.68 7.03
C ASP A 68 11.60 -3.24 6.80
N THR A 69 12.57 -2.35 6.90
CA THR A 69 12.34 -0.92 6.68
C THR A 69 13.40 -0.30 5.78
N ASN A 70 14.15 -1.14 5.08
CA ASN A 70 15.20 -0.66 4.20
C ASN A 70 14.84 -0.87 2.72
N ILE A 71 14.88 0.23 1.98
CA ILE A 71 14.59 0.26 0.55
C ILE A 71 15.33 -0.85 -0.22
N ARG A 72 16.55 -1.16 0.17
CA ARG A 72 17.34 -2.19 -0.50
C ARG A 72 16.60 -3.46 -0.94
N PHE A 73 15.69 -3.98 -0.11
CA PHE A 73 14.96 -5.21 -0.48
C PHE A 73 14.05 -5.01 -1.67
N LEU A 74 13.43 -3.82 -1.70
CA LEU A 74 12.52 -3.40 -2.75
C LEU A 74 13.29 -3.18 -4.06
N LEU A 75 14.33 -2.38 -4.02
CA LEU A 75 15.15 -2.14 -5.19
C LEU A 75 15.57 -3.45 -5.81
N GLN A 76 15.95 -4.41 -4.99
CA GLN A 76 16.37 -5.71 -5.50
C GLN A 76 15.25 -6.40 -6.28
N HIS A 77 14.01 -5.97 -6.04
CA HIS A 77 12.84 -6.53 -6.71
C HIS A 77 12.27 -5.57 -7.75
N ARG A 78 13.08 -4.59 -8.14
CA ARG A 78 12.69 -3.62 -9.14
C ARG A 78 11.43 -2.86 -8.69
N ASN A 79 11.31 -2.64 -7.38
CA ASN A 79 10.18 -1.92 -6.82
C ASN A 79 10.64 -0.57 -6.31
N HIS A 80 10.33 0.47 -7.04
CA HIS A 80 10.76 1.80 -6.67
C HIS A 80 9.72 2.63 -5.94
N ILE A 81 8.65 1.98 -5.48
CA ILE A 81 7.56 2.68 -4.79
C ILE A 81 7.95 3.62 -3.63
N TRP A 82 9.08 3.36 -2.97
CA TRP A 82 9.48 4.17 -1.82
C TRP A 82 10.77 4.99 -1.96
N ASP A 83 11.42 4.90 -3.12
CA ASP A 83 12.66 5.62 -3.39
C ASP A 83 12.58 7.08 -3.01
N GLU A 84 11.49 7.74 -3.40
CA GLU A 84 11.30 9.16 -3.13
C GLU A 84 11.60 9.54 -1.69
N TRP A 85 11.16 8.71 -0.76
CA TRP A 85 11.32 8.93 0.68
C TRP A 85 12.77 8.88 1.14
N ALA A 86 13.48 7.85 0.69
CA ALA A 86 14.88 7.65 1.05
C ALA A 86 15.70 8.74 0.40
N PHE A 87 15.46 8.95 -0.88
CA PHE A 87 16.13 9.95 -1.70
C PHE A 87 16.03 11.35 -1.08
N GLU A 88 14.83 11.74 -0.72
CA GLU A 88 14.57 13.03 -0.10
C GLU A 88 15.64 13.24 0.97
N LYS A 89 15.71 12.28 1.88
CA LYS A 89 16.64 12.25 3.01
C LYS A 89 18.11 12.37 2.60
N TRP A 90 18.47 11.70 1.52
CA TRP A 90 19.84 11.75 1.01
C TRP A 90 20.15 13.14 0.53
N VAL A 91 19.25 13.65 -0.30
CA VAL A 91 19.36 14.97 -0.90
C VAL A 91 19.50 16.09 0.12
N LYS A 92 18.66 16.04 1.16
CA LYS A 92 18.66 17.04 2.22
C LYS A 92 19.69 16.68 3.31
N SER A 93 20.95 16.48 2.92
CA SER A 93 21.99 16.13 3.90
C SER A 93 23.36 16.74 3.63
N ASP A 94 24.23 16.66 4.64
CA ASP A 94 25.58 17.20 4.57
C ASP A 94 26.43 16.45 3.57
N GLU A 95 26.20 15.14 3.46
CA GLU A 95 26.97 14.29 2.57
C GLU A 95 26.55 14.41 1.11
N TYR A 96 25.40 15.02 0.85
CA TYR A 96 24.91 15.18 -0.52
C TYR A 96 25.69 16.21 -1.30
N HIS A 97 26.18 15.81 -2.48
CA HIS A 97 26.92 16.73 -3.34
C HIS A 97 26.50 16.64 -4.79
N GLY A 98 25.64 17.59 -5.19
CA GLY A 98 25.16 17.64 -6.55
C GLY A 98 24.09 18.71 -6.69
N PRO A 99 23.38 18.73 -7.82
CA PRO A 99 22.32 19.71 -8.10
C PRO A 99 21.35 19.87 -6.92
N ASP A 100 20.84 21.08 -6.74
CA ASP A 100 19.94 21.37 -5.62
C ASP A 100 18.80 20.37 -5.39
N MET A 101 18.22 19.84 -6.47
CA MET A 101 17.12 18.89 -6.37
C MET A 101 15.95 19.37 -5.51
N THR A 102 16.04 20.57 -4.96
CA THR A 102 15.00 21.14 -4.11
C THR A 102 13.64 21.04 -4.80
N ASP A 103 12.69 20.39 -4.12
CA ASP A 103 11.35 20.20 -4.64
C ASP A 103 11.41 19.43 -5.96
N PHE A 104 12.20 18.37 -5.98
CA PHE A 104 12.36 17.53 -7.16
C PHE A 104 11.03 16.96 -7.66
N GLY A 105 10.02 16.93 -6.77
CA GLY A 105 8.72 16.40 -7.13
C GLY A 105 7.97 17.13 -8.23
N HIS A 106 7.74 18.43 -8.05
CA HIS A 106 7.01 19.21 -9.05
C HIS A 106 7.93 19.51 -10.23
N ARG A 107 9.13 19.98 -9.90
CA ARG A 107 10.12 20.34 -10.90
C ARG A 107 10.35 19.32 -12.01
N SER A 108 10.11 18.04 -11.74
CA SER A 108 10.27 17.00 -12.76
C SER A 108 9.07 17.00 -13.68
N GLN A 109 7.89 17.25 -13.11
CA GLN A 109 6.65 17.27 -13.86
C GLN A 109 6.46 18.58 -14.60
N LYS A 110 7.32 19.55 -14.30
CA LYS A 110 7.24 20.85 -14.94
C LYS A 110 8.40 21.10 -15.90
N ASP A 111 9.62 20.83 -15.44
CA ASP A 111 10.82 21.03 -16.24
C ASP A 111 11.26 19.72 -16.88
N PRO A 112 11.43 19.72 -18.22
CA PRO A 112 11.85 18.53 -18.96
C PRO A 112 13.32 18.16 -18.73
N GLU A 113 14.18 19.18 -18.74
CA GLU A 113 15.61 18.99 -18.54
C GLU A 113 15.97 18.69 -17.07
N PHE A 114 15.04 18.97 -16.16
CA PHE A 114 15.27 18.69 -14.74
C PHE A 114 14.90 17.25 -14.50
N ALA A 115 13.83 16.82 -15.14
CA ALA A 115 13.36 15.45 -15.03
C ALA A 115 14.42 14.42 -15.45
N ALA A 116 15.51 14.91 -16.06
CA ALA A 116 16.59 14.03 -16.49
C ALA A 116 17.80 14.14 -15.57
N VAL A 117 17.95 15.30 -14.92
CA VAL A 117 19.06 15.50 -13.99
C VAL A 117 18.67 14.84 -12.67
N TYR A 118 17.39 14.98 -12.31
CA TYR A 118 16.86 14.39 -11.09
C TYR A 118 16.80 12.89 -11.31
N HIS A 119 16.29 12.50 -12.47
CA HIS A 119 16.19 11.10 -12.82
C HIS A 119 17.57 10.43 -12.75
N GLU A 120 18.63 11.24 -12.85
CA GLU A 120 19.99 10.73 -12.77
C GLU A 120 20.44 10.55 -11.34
N GLU A 121 20.31 11.60 -10.54
CA GLU A 121 20.69 11.54 -9.14
C GLU A 121 20.06 10.33 -8.46
N MET A 122 18.78 10.13 -8.75
CA MET A 122 18.02 9.03 -8.21
C MET A 122 18.60 7.72 -8.69
N ALA A 123 18.91 7.66 -9.98
CA ALA A 123 19.47 6.46 -10.61
C ALA A 123 20.75 6.00 -9.93
N LYS A 124 21.55 6.96 -9.47
CA LYS A 124 22.80 6.67 -8.78
C LYS A 124 22.50 6.22 -7.36
N PHE A 125 21.66 6.99 -6.67
CA PHE A 125 21.25 6.69 -5.31
C PHE A 125 20.80 5.23 -5.17
N ASP A 126 19.94 4.79 -6.07
CA ASP A 126 19.45 3.42 -6.05
C ASP A 126 20.58 2.39 -6.17
N ASP A 127 21.63 2.75 -6.90
CA ASP A 127 22.75 1.82 -7.09
C ASP A 127 23.67 1.79 -5.86
N ARG A 128 23.85 2.97 -5.26
CA ARG A 128 24.67 3.10 -4.08
C ARG A 128 24.00 2.34 -2.92
N VAL A 129 22.68 2.48 -2.80
CA VAL A 129 21.92 1.76 -1.76
C VAL A 129 22.04 0.26 -2.02
N LEU A 130 21.98 -0.13 -3.28
CA LEU A 130 22.08 -1.54 -3.63
C LEU A 130 23.44 -2.14 -3.36
N HIS A 131 24.49 -1.36 -3.61
CA HIS A 131 25.85 -1.87 -3.45
C HIS A 131 26.71 -1.45 -2.25
N ASP A 132 26.43 -0.28 -1.69
CA ASP A 132 27.19 0.23 -0.55
C ASP A 132 26.43 -0.02 0.76
N ASP A 133 26.81 -1.08 1.45
CA ASP A 133 26.23 -1.51 2.73
C ASP A 133 26.07 -0.45 3.80
N ALA A 134 27.07 0.40 3.94
CA ALA A 134 27.01 1.44 4.93
C ALA A 134 26.07 2.52 4.42
N PHE A 135 25.94 2.63 3.10
CA PHE A 135 25.05 3.64 2.53
C PHE A 135 23.62 3.17 2.76
N ALA A 136 23.31 1.97 2.29
CA ALA A 136 21.99 1.41 2.47
C ALA A 136 21.59 1.57 3.96
N ALA A 137 22.51 1.22 4.87
CA ALA A 137 22.28 1.32 6.31
C ALA A 137 21.89 2.70 6.79
N LYS A 138 22.42 3.73 6.13
CA LYS A 138 22.15 5.13 6.51
C LYS A 138 21.07 5.86 5.72
N TYR A 139 20.98 5.60 4.42
CA TYR A 139 19.98 6.31 3.65
C TYR A 139 18.87 5.44 3.16
N GLY A 140 19.11 4.14 3.09
CA GLY A 140 18.08 3.22 2.62
C GLY A 140 17.06 2.84 3.68
N ASP A 141 17.34 3.19 4.93
CA ASP A 141 16.46 2.87 6.06
C ASP A 141 15.49 4.01 6.30
N LEU A 142 14.21 3.72 6.09
CA LEU A 142 13.13 4.69 6.25
C LEU A 142 12.77 4.86 7.73
N GLY A 143 13.05 3.85 8.54
CA GLY A 143 12.76 3.98 9.95
C GLY A 143 11.35 3.60 10.34
N LEU A 144 10.44 4.57 10.24
CA LEU A 144 9.05 4.34 10.60
C LEU A 144 8.17 4.15 9.39
N VAL A 145 8.05 2.91 8.95
CA VAL A 145 7.19 2.53 7.83
C VAL A 145 6.42 1.32 8.36
N TYR A 146 5.43 0.85 7.62
CA TYR A 146 4.62 -0.29 8.06
C TYR A 146 5.36 -1.50 8.65
N GLY A 147 6.51 -1.86 8.07
CA GLY A 147 7.29 -2.99 8.56
C GLY A 147 7.67 -2.90 10.05
N SER A 148 8.08 -1.73 10.50
CA SER A 148 8.43 -1.58 11.89
C SER A 148 7.19 -1.32 12.77
N GLN A 149 6.18 -0.64 12.23
CA GLN A 149 4.95 -0.38 12.99
C GLN A 149 4.19 -1.68 13.27
N TRP A 150 4.22 -2.58 12.30
CA TRP A 150 3.56 -3.86 12.38
C TRP A 150 4.32 -4.85 13.24
N ARG A 151 5.63 -4.89 13.02
CA ARG A 151 6.48 -5.85 13.69
C ARG A 151 7.52 -5.37 14.68
N ALA A 152 7.54 -4.10 15.02
CA ALA A 152 8.55 -3.64 15.96
C ALA A 152 8.15 -2.32 16.62
N TRP A 153 6.93 -2.27 17.11
CA TRP A 153 6.43 -1.07 17.75
C TRP A 153 7.33 -0.75 18.93
N HIS A 154 7.99 0.39 18.90
CA HIS A 154 8.87 0.73 20.02
C HIS A 154 8.10 1.16 21.24
N THR A 155 8.42 0.56 22.37
CA THR A 155 7.74 0.89 23.62
C THR A 155 8.47 1.98 24.39
N SER A 156 7.80 2.53 25.40
CA SER A 156 8.40 3.57 26.26
C SER A 156 9.42 2.95 27.22
N LYS A 157 9.35 1.63 27.37
CA LYS A 157 10.26 0.88 28.22
C LYS A 157 11.46 0.43 27.37
N GLY A 158 11.61 1.06 26.20
CA GLY A 158 12.70 0.75 25.31
C GLY A 158 12.57 -0.49 24.43
N ASP A 159 11.69 -1.43 24.78
CA ASP A 159 11.54 -2.65 24.00
C ASP A 159 10.84 -2.45 22.63
N THR A 160 10.53 -3.57 21.98
CA THR A 160 9.93 -3.61 20.67
C THR A 160 8.84 -4.68 20.61
N ILE A 161 7.64 -4.29 20.18
CA ILE A 161 6.45 -5.17 20.08
C ILE A 161 6.12 -5.65 18.67
N ASP A 162 5.84 -6.94 18.54
CA ASP A 162 5.46 -7.55 17.26
C ASP A 162 3.95 -7.72 17.29
N GLN A 163 3.23 -6.62 17.02
CA GLN A 163 1.75 -6.63 17.02
C GLN A 163 1.22 -7.74 16.15
N LEU A 164 1.64 -7.73 14.89
CA LEU A 164 1.18 -8.74 13.92
C LEU A 164 1.49 -10.18 14.37
N GLY A 165 2.71 -10.43 14.83
CA GLY A 165 3.04 -11.77 15.27
C GLY A 165 2.17 -12.15 16.44
N ASP A 166 1.96 -11.21 17.36
CA ASP A 166 1.13 -11.48 18.51
C ASP A 166 -0.33 -11.71 18.15
N VAL A 167 -0.91 -10.87 17.29
CA VAL A 167 -2.31 -11.04 16.92
C VAL A 167 -2.55 -12.39 16.24
N ILE A 168 -1.60 -12.85 15.42
CA ILE A 168 -1.75 -14.12 14.73
C ILE A 168 -1.76 -15.26 15.75
N GLU A 169 -1.01 -15.07 16.84
CA GLU A 169 -1.01 -16.09 17.85
C GLU A 169 -2.38 -16.07 18.51
N GLN A 170 -2.94 -14.86 18.68
CA GLN A 170 -4.25 -14.70 19.29
C GLN A 170 -5.39 -15.23 18.43
N ILE A 171 -5.25 -15.19 17.10
CA ILE A 171 -6.27 -15.73 16.19
C ILE A 171 -6.32 -17.26 16.32
N LYS A 172 -5.15 -17.85 16.56
CA LYS A 172 -5.05 -19.30 16.71
C LYS A 172 -5.60 -19.79 18.04
N THR A 173 -5.39 -19.05 19.12
CA THR A 173 -5.89 -19.50 20.40
C THR A 173 -7.18 -18.83 20.90
N HIS A 174 -7.58 -17.72 20.29
CA HIS A 174 -8.82 -17.02 20.68
C HIS A 174 -9.45 -16.45 19.41
N PRO A 175 -9.95 -17.34 18.54
CA PRO A 175 -10.59 -16.96 17.28
C PRO A 175 -11.70 -15.92 17.42
N TYR A 176 -12.54 -16.09 18.44
CA TYR A 176 -13.66 -15.21 18.67
C TYR A 176 -13.37 -13.95 19.47
N SER A 177 -12.10 -13.55 19.47
CA SER A 177 -11.63 -12.36 20.17
C SER A 177 -12.07 -11.12 19.39
N ARG A 178 -12.44 -10.09 20.13
CA ARG A 178 -12.91 -8.86 19.53
C ARG A 178 -11.85 -7.79 19.69
N THR A 179 -10.61 -8.22 19.88
CA THR A 179 -9.52 -7.28 20.03
C THR A 179 -8.36 -7.62 19.08
N LEU A 180 -8.64 -8.35 18.00
CA LEU A 180 -7.59 -8.72 17.04
C LEU A 180 -7.28 -7.53 16.14
N ILE A 181 -6.61 -6.53 16.70
CA ILE A 181 -6.32 -5.30 16.00
C ILE A 181 -4.83 -4.99 15.90
N VAL A 182 -4.41 -4.45 14.76
CA VAL A 182 -3.02 -4.04 14.54
C VAL A 182 -3.08 -2.56 14.16
N SER A 183 -2.41 -1.69 14.92
CA SER A 183 -2.43 -0.26 14.64
C SER A 183 -1.10 0.25 14.06
N ALA A 184 -1.17 1.27 13.22
CA ALA A 184 0.03 1.84 12.61
C ALA A 184 0.14 3.30 13.02
N TRP A 185 -0.82 3.75 13.82
CA TRP A 185 -0.87 5.15 14.26
C TRP A 185 -0.27 5.40 15.64
N ASN A 186 0.91 5.99 15.69
CA ASN A 186 1.56 6.28 16.97
C ASN A 186 1.55 7.79 17.19
N PRO A 187 0.75 8.27 18.16
CA PRO A 187 0.63 9.69 18.46
C PRO A 187 1.91 10.45 18.72
N GLU A 188 2.98 9.78 19.14
CA GLU A 188 4.22 10.52 19.35
C GLU A 188 5.09 10.72 18.09
N ASP A 189 4.94 9.84 17.10
CA ASP A 189 5.73 9.98 15.88
C ASP A 189 5.02 10.80 14.85
N VAL A 190 3.74 10.52 14.68
CA VAL A 190 2.92 11.17 13.67
C VAL A 190 3.06 12.66 13.44
N PRO A 191 3.26 13.45 14.50
CA PRO A 191 3.39 14.89 14.27
C PRO A 191 4.71 15.39 13.65
N THR A 192 5.68 14.48 13.46
CA THR A 192 6.95 14.86 12.85
C THR A 192 7.04 14.25 11.45
N MET A 193 6.47 13.05 11.30
CA MET A 193 6.44 12.27 10.07
C MET A 193 6.18 12.97 8.75
N ALA A 194 6.80 12.42 7.71
CA ALA A 194 6.65 12.91 6.34
C ALA A 194 5.27 12.45 5.89
N LEU A 195 5.05 11.13 5.97
CA LEU A 195 3.76 10.57 5.62
C LEU A 195 3.14 9.78 6.78
N PRO A 196 2.29 10.45 7.60
CA PRO A 196 1.68 9.69 8.69
C PRO A 196 0.90 8.64 7.91
N PRO A 197 0.89 7.40 8.38
CA PRO A 197 0.19 6.36 7.65
C PRO A 197 -1.23 6.58 7.18
N CYS A 198 -1.50 6.15 5.96
CA CYS A 198 -2.84 6.24 5.39
C CYS A 198 -3.67 5.07 5.89
N HIS A 199 -3.02 3.90 6.06
CA HIS A 199 -3.67 2.69 6.54
C HIS A 199 -3.51 2.63 8.06
N THR A 200 -4.32 3.43 8.73
CA THR A 200 -4.33 3.62 10.16
C THR A 200 -4.36 2.40 11.03
N LEU A 201 -5.30 1.50 10.79
CA LEU A 201 -5.39 0.28 11.57
C LEU A 201 -6.28 -0.73 10.88
N TYR A 202 -6.13 -2.00 11.26
CA TYR A 202 -6.96 -3.06 10.70
C TYR A 202 -7.38 -4.03 11.80
N GLN A 203 -8.49 -4.71 11.57
CA GLN A 203 -9.06 -5.64 12.53
C GLN A 203 -9.45 -6.96 11.87
N PHE A 204 -9.08 -8.06 12.52
CA PHE A 204 -9.41 -9.39 12.05
C PHE A 204 -10.68 -9.83 12.77
N TYR A 205 -11.42 -10.75 12.17
CA TYR A 205 -12.66 -11.27 12.75
C TYR A 205 -12.78 -12.71 12.29
N VAL A 206 -13.18 -13.60 13.18
CA VAL A 206 -13.32 -15.00 12.82
C VAL A 206 -14.66 -15.54 13.25
N ASN A 207 -15.36 -16.17 12.32
CA ASN A 207 -16.63 -16.83 12.61
C ASN A 207 -16.90 -17.85 11.53
N ASP A 208 -17.47 -18.99 11.94
CA ASP A 208 -17.79 -20.10 11.03
C ASP A 208 -16.56 -20.55 10.26
N GLY A 209 -15.40 -20.51 10.94
CA GLY A 209 -14.15 -20.94 10.35
C GLY A 209 -13.64 -20.13 9.17
N LYS A 210 -14.04 -18.87 9.13
CA LYS A 210 -13.64 -17.99 8.05
C LYS A 210 -13.08 -16.73 8.62
N LEU A 211 -11.97 -16.28 8.04
CA LEU A 211 -11.30 -15.05 8.48
C LEU A 211 -11.67 -13.83 7.64
N SER A 212 -12.07 -12.74 8.32
CA SER A 212 -12.40 -11.49 7.64
C SER A 212 -11.47 -10.43 8.18
N LEU A 213 -11.32 -9.34 7.45
CA LEU A 213 -10.45 -8.27 7.88
C LEU A 213 -11.10 -6.95 7.46
N GLN A 214 -11.01 -5.93 8.32
CA GLN A 214 -11.55 -4.60 8.05
C GLN A 214 -10.41 -3.61 8.16
N LEU A 215 -10.32 -2.68 7.22
CA LEU A 215 -9.25 -1.69 7.23
C LEU A 215 -9.80 -0.27 7.33
N TYR A 216 -9.22 0.53 8.21
CA TYR A 216 -9.59 1.92 8.32
C TYR A 216 -8.47 2.77 7.62
N GLN A 217 -8.79 3.28 6.43
CA GLN A 217 -7.89 4.12 5.64
C GLN A 217 -8.35 5.56 5.85
N ARG A 218 -7.51 6.38 6.45
CA ARG A 218 -7.86 7.77 6.74
C ARG A 218 -7.97 8.71 5.55
N SER A 219 -7.23 8.40 4.49
CA SER A 219 -7.19 9.22 3.33
C SER A 219 -6.94 8.29 2.16
N ALA A 220 -7.58 8.54 1.03
CA ALA A 220 -7.43 7.67 -0.11
C ALA A 220 -7.57 8.36 -1.46
N ASP A 221 -6.66 8.04 -2.37
CA ASP A 221 -6.62 8.53 -3.72
C ASP A 221 -7.31 7.43 -4.49
N ILE A 222 -8.57 7.67 -4.82
CA ILE A 222 -9.40 6.70 -5.50
C ILE A 222 -8.86 6.15 -6.79
N PHE A 223 -8.29 7.01 -7.61
CA PHE A 223 -7.76 6.56 -8.90
C PHE A 223 -6.41 5.82 -8.82
N LEU A 224 -5.41 6.44 -8.20
CA LEU A 224 -4.08 5.84 -8.10
C LEU A 224 -3.79 5.00 -6.86
N GLY A 225 -4.30 5.43 -5.71
CA GLY A 225 -4.01 4.71 -4.49
C GLY A 225 -4.85 3.49 -4.24
N VAL A 226 -6.17 3.66 -4.20
CA VAL A 226 -7.10 2.57 -3.91
C VAL A 226 -6.97 1.23 -4.65
N PRO A 227 -6.64 1.23 -5.97
CA PRO A 227 -6.51 -0.07 -6.65
C PRO A 227 -5.45 -0.93 -6.03
N PHE A 228 -4.36 -0.32 -5.59
CA PHE A 228 -3.26 -1.01 -4.92
C PHE A 228 -3.67 -1.44 -3.52
N ASN A 229 -4.15 -0.48 -2.74
CA ASN A 229 -4.61 -0.69 -1.36
C ASN A 229 -5.55 -1.89 -1.18
N ILE A 230 -6.56 -2.01 -2.04
CA ILE A 230 -7.50 -3.13 -2.00
C ILE A 230 -6.74 -4.47 -2.13
N ALA A 231 -5.80 -4.51 -3.07
CA ALA A 231 -5.03 -5.72 -3.30
C ALA A 231 -4.05 -6.09 -2.16
N SER A 232 -3.39 -5.10 -1.55
CA SER A 232 -2.46 -5.37 -0.46
C SER A 232 -3.17 -6.03 0.71
N TYR A 233 -4.29 -5.46 1.12
CA TYR A 233 -5.03 -6.02 2.24
C TYR A 233 -5.85 -7.28 1.93
N ALA A 234 -6.29 -7.44 0.68
CA ALA A 234 -6.99 -8.67 0.31
C ALA A 234 -5.96 -9.80 0.37
N LEU A 235 -4.74 -9.50 -0.08
CA LEU A 235 -3.63 -10.47 -0.05
C LEU A 235 -3.29 -10.81 1.42
N LEU A 236 -3.10 -9.77 2.25
CA LEU A 236 -2.81 -9.94 3.67
C LEU A 236 -3.87 -10.84 4.34
N THR A 237 -5.15 -10.62 4.03
CA THR A 237 -6.25 -11.45 4.57
C THR A 237 -6.03 -12.93 4.19
N HIS A 238 -5.59 -13.19 2.95
CA HIS A 238 -5.33 -14.54 2.49
C HIS A 238 -4.15 -15.17 3.21
N LEU A 239 -3.03 -14.46 3.29
CA LEU A 239 -1.85 -14.98 3.95
C LEU A 239 -2.13 -15.39 5.39
N VAL A 240 -2.69 -14.47 6.18
CA VAL A 240 -3.00 -14.78 7.57
C VAL A 240 -3.93 -15.98 7.70
N ALA A 241 -4.91 -16.10 6.82
CA ALA A 241 -5.84 -17.24 6.89
C ALA A 241 -5.13 -18.55 6.57
N HIS A 242 -4.14 -18.52 5.68
CA HIS A 242 -3.35 -19.69 5.28
C HIS A 242 -2.63 -20.21 6.51
N GLU A 243 -1.91 -19.32 7.19
CA GLU A 243 -1.18 -19.67 8.39
C GLU A 243 -2.07 -20.20 9.52
N CYS A 244 -3.24 -19.59 9.70
CA CYS A 244 -4.16 -19.99 10.76
C CYS A 244 -5.04 -21.17 10.44
N GLY A 245 -4.86 -21.74 9.25
CA GLY A 245 -5.68 -22.88 8.86
C GLY A 245 -7.15 -22.53 8.72
N LEU A 246 -7.40 -21.27 8.37
CA LEU A 246 -8.73 -20.73 8.22
C LEU A 246 -9.10 -20.55 6.77
N GLU A 247 -10.39 -20.42 6.52
CA GLU A 247 -10.89 -20.16 5.19
C GLU A 247 -10.91 -18.65 5.10
N VAL A 248 -11.15 -18.13 3.91
CA VAL A 248 -11.13 -16.69 3.72
C VAL A 248 -12.55 -16.15 3.68
N GLY A 249 -12.73 -15.00 4.32
CA GLY A 249 -14.03 -14.39 4.38
C GLY A 249 -14.08 -13.16 3.51
N GLU A 250 -14.38 -12.03 4.11
CA GLU A 250 -14.46 -10.78 3.37
C GLU A 250 -13.41 -9.79 3.80
N PHE A 251 -13.11 -8.87 2.89
CA PHE A 251 -12.19 -7.78 3.16
C PHE A 251 -13.12 -6.57 3.11
N ILE A 252 -13.26 -5.90 4.25
CA ILE A 252 -14.09 -4.70 4.37
C ILE A 252 -13.14 -3.48 4.38
N HIS A 253 -13.35 -2.56 3.45
CA HIS A 253 -12.49 -1.39 3.29
C HIS A 253 -13.28 -0.17 3.73
N THR A 254 -12.87 0.43 4.84
CA THR A 254 -13.54 1.59 5.37
C THR A 254 -12.67 2.79 5.08
N PHE A 255 -13.32 3.92 4.78
CA PHE A 255 -12.64 5.15 4.42
C PHE A 255 -12.99 6.37 5.24
N GLY A 256 -11.97 7.20 5.46
CA GLY A 256 -12.16 8.47 6.11
C GLY A 256 -12.45 9.36 4.90
N ASP A 257 -11.45 10.13 4.48
CA ASP A 257 -11.58 11.02 3.33
C ASP A 257 -11.26 10.28 2.03
N ALA A 258 -12.28 9.96 1.23
CA ALA A 258 -12.06 9.28 -0.07
C ALA A 258 -12.12 10.35 -1.15
N HIS A 259 -11.07 10.46 -1.95
CA HIS A 259 -11.05 11.52 -2.94
C HIS A 259 -10.48 11.25 -4.32
N LEU A 260 -10.85 12.13 -5.25
CA LEU A 260 -10.44 12.05 -6.63
C LEU A 260 -9.72 13.36 -6.91
N TYR A 261 -8.42 13.32 -7.21
CA TYR A 261 -7.73 14.58 -7.51
C TYR A 261 -8.33 15.07 -8.81
N VAL A 262 -8.50 16.38 -8.89
CA VAL A 262 -9.11 17.00 -10.03
C VAL A 262 -8.48 16.72 -11.41
N ASN A 263 -7.20 16.32 -11.43
CA ASN A 263 -6.53 16.01 -12.69
C ASN A 263 -6.58 14.51 -13.06
N HIS A 264 -7.56 13.81 -12.51
CA HIS A 264 -7.73 12.39 -12.80
C HIS A 264 -9.15 12.14 -13.29
N LEU A 265 -9.94 13.19 -13.45
CA LEU A 265 -11.34 13.05 -13.87
C LEU A 265 -11.56 12.40 -15.23
N ASP A 266 -10.80 12.81 -16.23
CA ASP A 266 -10.90 12.23 -17.57
C ASP A 266 -10.55 10.75 -17.54
N GLN A 267 -9.53 10.40 -16.76
CA GLN A 267 -9.08 9.02 -16.66
C GLN A 267 -10.08 8.14 -15.95
N ILE A 268 -10.60 8.62 -14.81
CA ILE A 268 -11.58 7.82 -14.10
C ILE A 268 -12.85 7.66 -14.94
N LYS A 269 -13.24 8.72 -15.65
CA LYS A 269 -14.44 8.66 -16.50
C LYS A 269 -14.32 7.59 -17.56
N GLU A 270 -13.12 7.49 -18.17
CA GLU A 270 -12.86 6.49 -19.21
C GLU A 270 -12.94 5.07 -18.67
N GLN A 271 -12.33 4.85 -17.52
CA GLN A 271 -12.35 3.55 -16.87
C GLN A 271 -13.79 3.13 -16.62
N LEU A 272 -14.65 4.08 -16.27
CA LEU A 272 -16.04 3.75 -16.02
C LEU A 272 -16.79 3.25 -17.27
N SER A 273 -16.14 3.33 -18.45
CA SER A 273 -16.70 2.88 -19.74
C SER A 273 -16.48 1.40 -19.94
N ARG A 274 -15.47 0.90 -19.26
CA ARG A 274 -15.08 -0.48 -19.37
C ARG A 274 -15.99 -1.41 -18.61
N THR A 275 -16.04 -2.65 -19.05
CA THR A 275 -16.90 -3.64 -18.46
C THR A 275 -16.08 -4.69 -17.75
N PRO A 276 -16.21 -4.77 -16.42
CA PRO A 276 -15.48 -5.73 -15.58
C PRO A 276 -15.40 -7.12 -16.16
N ARG A 277 -14.20 -7.66 -16.15
CA ARG A 277 -13.97 -9.01 -16.60
C ARG A 277 -13.98 -9.86 -15.34
N PRO A 278 -14.11 -11.19 -15.49
CA PRO A 278 -14.13 -12.08 -14.33
C PRO A 278 -12.86 -11.84 -13.52
N ALA A 279 -12.92 -12.07 -12.21
CA ALA A 279 -11.78 -11.83 -11.33
C ALA A 279 -10.77 -12.96 -11.27
N PRO A 280 -9.47 -12.63 -11.13
CA PRO A 280 -8.38 -13.59 -11.06
C PRO A 280 -8.51 -14.44 -9.80
N THR A 281 -7.67 -15.46 -9.71
CA THR A 281 -7.68 -16.39 -8.60
C THR A 281 -6.33 -16.32 -7.89
N LEU A 282 -6.33 -16.38 -6.56
CA LEU A 282 -5.06 -16.34 -5.84
C LEU A 282 -4.66 -17.75 -5.46
N GLN A 283 -3.38 -18.05 -5.58
CA GLN A 283 -2.88 -19.37 -5.23
C GLN A 283 -1.61 -19.24 -4.40
N LEU A 284 -1.62 -19.83 -3.21
CA LEU A 284 -0.48 -19.78 -2.31
C LEU A 284 0.19 -21.15 -2.15
N ASN A 285 1.47 -21.12 -1.80
CA ASN A 285 2.24 -22.33 -1.60
C ASN A 285 1.64 -23.15 -0.44
N PRO A 286 1.09 -24.31 -0.76
CA PRO A 286 0.48 -25.18 0.25
C PRO A 286 1.45 -25.90 1.16
N ASP A 287 2.72 -25.94 0.76
CA ASP A 287 3.69 -26.64 1.57
C ASP A 287 4.26 -25.73 2.63
N LYS A 288 4.48 -24.46 2.27
CA LYS A 288 5.01 -23.51 3.22
C LYS A 288 3.82 -22.90 3.94
N HIS A 289 3.99 -22.65 5.23
CA HIS A 289 2.92 -22.05 6.02
C HIS A 289 3.36 -20.84 6.84
N ASP A 290 4.66 -20.72 7.09
CA ASP A 290 5.14 -19.60 7.86
C ASP A 290 5.18 -18.41 6.91
N ILE A 291 4.11 -17.61 6.93
CA ILE A 291 3.99 -16.45 6.06
C ILE A 291 5.07 -15.37 6.24
N PHE A 292 5.82 -15.43 7.32
CA PHE A 292 6.88 -14.45 7.49
C PHE A 292 8.13 -14.85 6.67
N ASP A 293 8.22 -16.13 6.32
CA ASP A 293 9.32 -16.66 5.53
C ASP A 293 8.81 -16.95 4.12
N PHE A 294 7.71 -16.32 3.75
CA PHE A 294 7.11 -16.49 2.43
C PHE A 294 7.96 -15.61 1.51
N ASP A 295 8.02 -15.99 0.23
CA ASP A 295 8.77 -15.25 -0.76
C ASP A 295 7.98 -15.15 -2.04
N MET A 296 8.34 -14.18 -2.87
CA MET A 296 7.68 -13.91 -4.14
C MET A 296 7.08 -15.12 -4.85
N LYS A 297 7.84 -16.20 -4.93
CA LYS A 297 7.39 -17.41 -5.62
C LYS A 297 6.27 -18.22 -4.96
N ASP A 298 6.09 -18.01 -3.67
CA ASP A 298 5.05 -18.70 -2.91
C ASP A 298 3.62 -18.22 -3.22
N ILE A 299 3.47 -17.12 -3.95
CA ILE A 299 2.16 -16.55 -4.27
C ILE A 299 1.93 -16.38 -5.78
N LYS A 300 0.91 -17.03 -6.33
CA LYS A 300 0.61 -16.89 -7.76
C LYS A 300 -0.79 -16.36 -8.01
N LEU A 301 -0.91 -15.53 -9.03
CA LEU A 301 -2.20 -14.96 -9.40
C LEU A 301 -2.61 -15.56 -10.73
N LEU A 302 -3.69 -16.30 -10.74
CA LEU A 302 -4.13 -16.93 -11.95
C LEU A 302 -5.25 -16.18 -12.64
N ASN A 303 -5.23 -16.23 -13.97
CA ASN A 303 -6.28 -15.63 -14.80
C ASN A 303 -6.51 -14.11 -14.73
N TYR A 304 -5.47 -13.32 -14.53
CA TYR A 304 -5.68 -11.86 -14.48
C TYR A 304 -5.69 -11.44 -15.94
N ASP A 305 -6.83 -10.95 -16.41
CA ASP A 305 -7.01 -10.58 -17.81
C ASP A 305 -7.55 -9.14 -17.87
N PRO A 306 -6.71 -8.16 -17.53
CA PRO A 306 -7.09 -6.76 -17.52
C PRO A 306 -7.15 -5.99 -18.80
N TYR A 307 -7.70 -4.78 -18.69
CA TYR A 307 -7.80 -3.81 -19.76
C TYR A 307 -6.46 -3.07 -19.73
N PRO A 308 -6.15 -2.24 -20.74
CA PRO A 308 -4.88 -1.53 -20.71
C PRO A 308 -4.75 -0.62 -19.50
N ALA A 309 -3.53 -0.28 -19.15
CA ALA A 309 -3.28 0.60 -18.03
C ALA A 309 -3.67 1.98 -18.49
N ILE A 310 -4.00 2.84 -17.55
CA ILE A 310 -4.40 4.21 -17.84
C ILE A 310 -3.39 5.14 -17.17
N LYS A 311 -2.65 5.92 -17.94
CA LYS A 311 -1.68 6.81 -17.34
C LYS A 311 -2.41 7.99 -16.73
N ALA A 312 -1.83 8.57 -15.70
CA ALA A 312 -2.42 9.73 -15.04
C ALA A 312 -1.34 10.41 -14.26
N PRO A 313 -1.41 11.73 -14.13
CA PRO A 313 -0.39 12.48 -13.39
C PRO A 313 -0.43 12.32 -11.86
N VAL A 314 0.72 11.99 -11.29
CA VAL A 314 0.85 11.84 -9.85
C VAL A 314 0.62 13.21 -9.25
N ALA A 315 -0.36 13.32 -8.35
CA ALA A 315 -0.65 14.60 -7.73
C ALA A 315 0.53 15.02 -6.83
N VAL A 316 1.33 15.95 -7.35
CA VAL A 316 2.53 16.47 -6.68
C VAL A 316 2.31 17.61 -5.68
N1 U5P B . -2.73 7.49 -0.52
C2 U5P B . -3.50 6.45 -0.95
N3 U5P B . -3.06 5.13 -0.79
C4 U5P B . -1.83 4.81 -0.17
C5 U5P B . -1.06 5.96 0.29
C6 U5P B . -1.56 7.29 0.10
O2 U5P B . -4.56 6.65 -1.50
O4 U5P B . -1.48 3.64 -0.01
C1' U5P B . -3.03 8.86 -0.88
C2' U5P B . -4.04 9.60 -0.01
C3' U5P B . -3.72 11.06 -0.31
C4' U5P B . -2.19 11.16 -0.27
O3' U5P B . -4.16 11.37 -1.63
O4' U5P B . -1.84 9.77 -0.81
C5' U5P B . -1.70 11.28 1.17
O5' U5P B . -2.13 12.60 1.60
P U5P B . -2.39 12.97 3.08
O1P U5P B . -2.75 14.42 3.23
O2P U5P B . -3.56 12.11 3.35
O3P U5P B . -1.36 12.66 4.05
#